data_5FSZ
#
_entry.id   5FSZ
#
_cell.length_a   74.820
_cell.length_b   74.820
_cell.length_c   75.440
_cell.angle_alpha   90.00
_cell.angle_beta   90.00
_cell.angle_gamma   90.00
#
_symmetry.space_group_name_H-M   'P 42 21 2'
#
loop_
_entity.id
_entity.type
_entity.pdbx_description
1 polymer MACRODOMAIN
2 water water
#
_entity_poly.entity_id   1
_entity_poly.type   'polypeptide(L)'
_entity_poly.pdbx_seq_one_letter_code
;SMEEVGKGGQSAKFVTYSTSEPAKLFGEAGRRSHFRARVLEATLSPLEKAIFDVPIEEWLTVDRSKFSGWRCAVPHPVTA
DELKPVDSSHDILRHIALYNGPVTDLQLDAIVNAANKTCLGGKGVDGAIHAAAGPLLVRECATFKGCDTGQCRLTKGYNL
PARYVLHTVGPIGERPEELRSCYRSILSLAHRNRLRSIGFCCVSTGVYGYPLIPATRIAVDETIEYLKQHFSAFDLCCFA
CFKLEEYNAYTDCLRAWLGTAPNASTDQ
;
_entity_poly.pdbx_strand_id   A
#
# COMPACT_ATOMS: atom_id res chain seq x y z
N PHE A 14 37.21 -6.89 21.19
CA PHE A 14 35.71 -6.85 21.30
C PHE A 14 35.12 -8.23 21.00
N VAL A 15 34.27 -8.73 21.88
CA VAL A 15 33.35 -9.81 21.54
C VAL A 15 32.07 -9.19 20.93
N THR A 16 31.59 -9.74 19.80
CA THR A 16 30.46 -9.17 19.08
C THR A 16 29.19 -10.01 19.11
N TYR A 17 29.20 -11.11 19.87
CA TYR A 17 28.04 -11.95 20.04
C TYR A 17 28.05 -12.54 21.42
N SER A 18 26.86 -12.70 22.01
CA SER A 18 26.73 -13.14 23.38
C SER A 18 26.91 -14.65 23.63
N THR A 19 26.95 -15.48 22.59
CA THR A 19 27.27 -16.92 22.75
C THR A 19 28.18 -17.39 21.62
N SER A 20 28.37 -18.71 21.54
CA SER A 20 29.03 -19.36 20.42
C SER A 20 28.25 -19.15 19.14
N GLU A 21 29.00 -18.99 18.06
CA GLU A 21 28.43 -18.90 16.74
C GLU A 21 27.69 -20.19 16.40
N PRO A 22 26.58 -20.06 15.65
CA PRO A 22 25.87 -21.28 15.22
C PRO A 22 26.65 -21.98 14.11
N ALA A 23 26.25 -23.22 13.81
CA ALA A 23 26.89 -24.04 12.78
C ALA A 23 26.87 -23.30 11.44
N LYS A 24 25.72 -22.73 11.10
CA LYS A 24 25.58 -21.83 9.96
C LYS A 24 24.34 -20.96 10.19
N LEU A 25 24.11 -19.99 9.30
CA LEU A 25 22.85 -19.27 9.26
C LEU A 25 21.66 -20.20 8.92
N PHE A 26 20.70 -20.32 9.85
CA PHE A 26 19.46 -21.08 9.62
C PHE A 26 18.14 -20.43 10.07
N GLY A 27 18.18 -19.38 10.88
CA GLY A 27 16.98 -18.84 11.52
C GLY A 27 16.29 -17.77 10.70
N GLU A 28 14.95 -17.71 10.80
CA GLU A 28 14.11 -16.68 10.14
C GLU A 28 12.64 -17.09 9.98
N ALA A 29 12.39 -18.17 9.24
CA ALA A 29 11.02 -18.60 8.84
C ALA A 29 10.14 -19.10 10.00
N GLY A 30 10.78 -19.66 11.04
CA GLY A 30 10.09 -20.04 12.27
C GLY A 30 9.50 -18.86 13.04
N ARG A 31 10.23 -17.74 13.09
CA ARG A 31 9.75 -16.50 13.73
C ARG A 31 8.47 -15.96 13.13
N ARG A 32 8.44 -15.96 11.79
CA ARG A 32 7.34 -15.38 11.01
C ARG A 32 6.11 -16.29 11.15
N SER A 33 6.29 -17.60 10.98
CA SER A 33 5.18 -18.54 11.15
C SER A 33 4.67 -18.43 12.59
N HIS A 34 5.57 -18.29 13.56
CA HIS A 34 5.17 -18.11 14.96
C HIS A 34 4.42 -16.78 15.23
N PHE A 35 4.90 -15.70 14.64
CA PHE A 35 4.17 -14.42 14.69
C PHE A 35 2.77 -14.55 14.06
N ARG A 36 2.69 -15.16 12.87
CA ARG A 36 1.42 -15.39 12.16
C ARG A 36 0.51 -16.22 13.04
N ALA A 37 1.07 -17.23 13.71
CA ALA A 37 0.26 -18.04 14.59
C ALA A 37 -0.28 -17.21 15.77
N ARG A 38 0.56 -16.41 16.43
CA ARG A 38 0.12 -15.57 17.56
CA ARG A 38 0.10 -15.62 17.56
C ARG A 38 -0.93 -14.54 17.17
N VAL A 39 -0.82 -14.02 15.95
CA VAL A 39 -1.79 -13.04 15.46
C VAL A 39 -3.13 -13.73 15.29
N LEU A 40 -3.12 -14.89 14.65
CA LEU A 40 -4.38 -15.63 14.41
C LEU A 40 -5.04 -16.10 15.70
N GLU A 41 -4.24 -16.51 16.69
CA GLU A 41 -4.75 -17.02 17.97
C GLU A 41 -5.29 -15.93 18.93
N ALA A 42 -4.99 -14.66 18.69
CA ALA A 42 -5.33 -13.62 19.66
C ALA A 42 -6.84 -13.38 19.71
N THR A 43 -7.33 -13.12 20.92
CA THR A 43 -8.75 -12.91 21.17
C THR A 43 -9.08 -11.45 20.89
N LEU A 44 -9.96 -11.21 19.92
CA LEU A 44 -10.43 -9.86 19.63
C LEU A 44 -11.48 -9.43 20.64
N SER A 45 -11.50 -8.14 20.94
CA SER A 45 -12.57 -7.55 21.71
C SER A 45 -13.87 -7.52 20.90
N PRO A 46 -15.01 -7.28 21.56
CA PRO A 46 -16.26 -7.04 20.86
C PRO A 46 -16.21 -5.86 19.88
N LEU A 47 -15.56 -4.76 20.27
CA LEU A 47 -15.34 -3.60 19.38
C LEU A 47 -14.59 -4.00 18.11
N GLU A 48 -13.49 -4.72 18.29
CA GLU A 48 -12.64 -5.18 17.20
C GLU A 48 -13.33 -6.20 16.34
N LYS A 49 -14.02 -7.14 16.99
CA LYS A 49 -14.69 -8.21 16.25
C LYS A 49 -15.78 -7.65 15.32
N ALA A 50 -16.49 -6.64 15.81
CA ALA A 50 -17.54 -5.98 15.05
C ALA A 50 -16.95 -5.41 13.77
N ILE A 51 -15.85 -4.68 13.91
CA ILE A 51 -15.19 -4.11 12.72
C ILE A 51 -14.66 -5.19 11.82
N PHE A 52 -13.96 -6.15 12.42
CA PHE A 52 -13.35 -7.22 11.67
C PHE A 52 -14.32 -8.08 10.86
N ASP A 53 -15.54 -8.26 11.34
CA ASP A 53 -16.51 -9.09 10.64
C ASP A 53 -17.26 -8.40 9.50
N VAL A 54 -17.16 -7.08 9.38
CA VAL A 54 -17.81 -6.39 8.25
C VAL A 54 -17.29 -7.04 6.97
N PRO A 55 -18.19 -7.51 6.10
CA PRO A 55 -17.67 -8.12 4.88
C PRO A 55 -16.86 -7.11 4.08
N ILE A 56 -15.80 -7.59 3.44
CA ILE A 56 -14.86 -6.70 2.79
C ILE A 56 -15.52 -5.74 1.80
N GLU A 57 -16.40 -6.25 0.94
CA GLU A 57 -17.09 -5.44 -0.07
C GLU A 57 -17.99 -4.36 0.54
N GLU A 58 -18.50 -4.62 1.73
CA GLU A 58 -19.35 -3.67 2.44
C GLU A 58 -18.61 -2.49 3.04
N TRP A 59 -17.30 -2.65 3.26
CA TRP A 59 -16.52 -1.66 4.02
C TRP A 59 -16.39 -0.31 3.28
N LEU A 60 -16.31 -0.37 1.96
CA LEU A 60 -16.26 0.83 1.10
C LEU A 60 -17.23 1.93 1.50
N THR A 61 -18.46 1.55 1.79
CA THR A 61 -19.57 2.50 1.90
C THR A 61 -20.12 2.70 3.30
N VAL A 62 -19.78 1.85 4.27
CA VAL A 62 -20.34 2.01 5.62
C VAL A 62 -19.92 3.32 6.27
N ASP A 63 -20.64 3.72 7.31
CA ASP A 63 -20.27 4.83 8.16
C ASP A 63 -19.43 4.25 9.30
N ARG A 64 -18.12 4.53 9.28
CA ARG A 64 -17.15 3.90 10.18
C ARG A 64 -17.16 4.51 11.58
N SER A 65 -17.70 5.72 11.70
CA SER A 65 -17.85 6.38 12.98
C SER A 65 -18.87 5.70 13.91
N LYS A 66 -19.72 4.83 13.34
CA LYS A 66 -20.72 4.09 14.12
C LYS A 66 -20.10 2.97 14.95
N PHE A 67 -18.85 2.61 14.65
CA PHE A 67 -18.08 1.66 15.44
C PHE A 67 -17.20 2.43 16.41
N SER A 68 -17.36 2.17 17.70
CA SER A 68 -16.56 2.82 18.72
C SER A 68 -15.11 2.35 18.68
N GLY A 69 -14.87 1.17 18.11
CA GLY A 69 -13.51 0.69 17.89
C GLY A 69 -12.75 1.45 16.81
N TRP A 70 -13.45 2.08 15.87
CA TRP A 70 -12.81 2.78 14.77
C TRP A 70 -12.43 4.19 15.18
N ARG A 71 -11.13 4.47 15.22
CA ARG A 71 -10.62 5.81 15.46
CA ARG A 71 -10.59 5.79 15.49
C ARG A 71 -9.65 6.13 14.34
N CYS A 72 -10.07 7.05 13.46
CA CYS A 72 -9.21 7.48 12.37
C CYS A 72 -7.85 7.88 12.91
N ALA A 73 -6.82 7.29 12.34
CA ALA A 73 -5.47 7.45 12.82
C ALA A 73 -4.85 8.79 12.37
N VAL A 74 -5.48 9.45 11.41
CA VAL A 74 -4.94 10.68 10.86
C VAL A 74 -5.86 11.81 11.25
N PRO A 75 -5.34 12.82 11.99
CA PRO A 75 -6.15 13.97 12.47
C PRO A 75 -6.88 14.73 11.37
N HIS A 76 -6.13 15.09 10.32
CA HIS A 76 -6.64 15.81 9.17
C HIS A 76 -6.32 15.06 7.88
N PRO A 77 -7.21 14.13 7.49
CA PRO A 77 -6.97 13.37 6.27
C PRO A 77 -7.20 14.24 5.05
N VAL A 78 -6.58 13.85 3.94
CA VAL A 78 -6.63 14.57 2.68
C VAL A 78 -7.60 13.82 1.79
N THR A 79 -8.66 14.50 1.38
CA THR A 79 -9.66 13.93 0.49
C THR A 79 -9.33 14.24 -0.98
N ALA A 80 -10.01 13.51 -1.89
CA ALA A 80 -9.74 13.60 -3.31
C ALA A 80 -9.92 15.01 -3.87
N ASP A 81 -10.94 15.74 -3.40
CA ASP A 81 -11.15 17.13 -3.80
C ASP A 81 -9.99 18.06 -3.44
N GLU A 82 -9.19 17.69 -2.44
CA GLU A 82 -7.99 18.45 -2.06
C GLU A 82 -6.71 18.08 -2.86
N LEU A 83 -6.82 17.13 -3.79
CA LEU A 83 -5.66 16.67 -4.52
C LEU A 83 -5.79 17.17 -5.96
N LYS A 84 -4.99 18.18 -6.28
CA LYS A 84 -5.05 18.81 -7.58
C LYS A 84 -4.33 17.94 -8.61
N PRO A 85 -4.95 17.74 -9.78
CA PRO A 85 -4.28 16.91 -10.77
C PRO A 85 -3.07 17.57 -11.40
N VAL A 86 -2.20 16.78 -12.00
CA VAL A 86 -1.02 17.36 -12.62
C VAL A 86 -1.38 18.26 -13.82
N ASP A 87 -2.44 17.93 -14.55
CA ASP A 87 -2.99 18.82 -15.60
C ASP A 87 -4.46 18.54 -15.78
N SER A 88 -5.30 19.45 -15.27
CA SER A 88 -6.74 19.33 -15.39
C SER A 88 -7.30 19.39 -16.83
N SER A 89 -6.55 19.99 -17.75
CA SER A 89 -6.96 20.05 -19.18
C SER A 89 -6.71 18.73 -19.92
N HIS A 90 -5.66 18.01 -19.53
CA HIS A 90 -5.24 16.79 -20.23
C HIS A 90 -6.17 15.62 -19.92
N ASP A 91 -6.53 14.84 -20.94
CA ASP A 91 -7.55 13.80 -20.77
C ASP A 91 -7.14 12.62 -19.88
N ILE A 92 -5.86 12.29 -19.89
CA ILE A 92 -5.26 11.32 -18.97
C ILE A 92 -4.79 11.96 -17.66
N LEU A 93 -3.98 12.99 -17.73
CA LEU A 93 -3.31 13.56 -16.55
C LEU A 93 -4.22 14.37 -15.63
N ARG A 94 -5.47 14.62 -16.03
CA ARG A 94 -6.47 15.10 -15.09
C ARG A 94 -6.81 14.03 -14.04
N HIS A 95 -6.50 12.75 -14.29
CA HIS A 95 -6.73 11.65 -13.34
C HIS A 95 -5.50 11.32 -12.49
N ILE A 96 -4.45 12.12 -12.57
CA ILE A 96 -3.22 11.87 -11.83
C ILE A 96 -2.91 13.08 -10.98
N ALA A 97 -2.57 12.83 -9.71
CA ALA A 97 -2.12 13.87 -8.77
C ALA A 97 -0.91 13.41 -7.99
N LEU A 98 -0.10 14.36 -7.50
CA LEU A 98 1.02 14.08 -6.62
C LEU A 98 0.74 14.69 -5.27
N TYR A 99 1.13 14.00 -4.20
CA TYR A 99 0.95 14.49 -2.84
C TYR A 99 2.32 14.42 -2.16
N ASN A 100 2.76 15.55 -1.62
CA ASN A 100 4.04 15.62 -0.92
C ASN A 100 3.74 15.34 0.55
N GLY A 101 3.62 14.07 0.87
CA GLY A 101 3.34 13.61 2.22
C GLY A 101 3.13 12.10 2.23
N PRO A 102 2.90 11.52 3.42
CA PRO A 102 2.76 10.08 3.54
C PRO A 102 1.44 9.59 2.94
N VAL A 103 1.49 8.45 2.29
CA VAL A 103 0.32 7.86 1.66
C VAL A 103 -0.85 7.63 2.66
N THR A 104 -0.50 7.46 3.94
CA THR A 104 -1.48 7.23 4.99
C THR A 104 -2.39 8.40 5.23
N ASP A 105 -2.00 9.61 4.82
CA ASP A 105 -2.92 10.78 4.89
C ASP A 105 -4.13 10.72 3.98
N LEU A 106 -4.06 9.90 2.96
CA LEU A 106 -5.01 9.97 1.85
C LEU A 106 -6.29 9.20 2.11
N GLN A 107 -7.42 9.89 2.04
CA GLN A 107 -8.74 9.32 2.24
C GLN A 107 -9.36 8.98 0.89
N LEU A 108 -8.91 7.88 0.33
CA LEU A 108 -9.27 7.46 -1.01
C LEU A 108 -9.86 6.08 -0.91
N ASP A 109 -10.32 5.51 -2.01
CA ASP A 109 -10.85 4.14 -1.93
C ASP A 109 -9.77 3.16 -1.46
N ALA A 110 -8.53 3.31 -1.92
CA ALA A 110 -7.44 2.42 -1.50
C ALA A 110 -6.12 3.14 -1.47
N ILE A 111 -5.21 2.61 -0.66
CA ILE A 111 -3.81 2.94 -0.77
C ILE A 111 -3.00 1.68 -0.94
N VAL A 112 -1.83 1.86 -1.54
CA VAL A 112 -0.91 0.79 -1.85
C VAL A 112 0.13 0.67 -0.73
N ASN A 113 0.37 -0.56 -0.28
CA ASN A 113 1.40 -0.87 0.68
C ASN A 113 2.45 -1.65 -0.08
N ALA A 114 3.70 -1.21 0.06
CA ALA A 114 4.87 -1.94 -0.43
C ALA A 114 5.19 -3.00 0.60
N ALA A 115 4.64 -4.21 0.42
CA ALA A 115 4.74 -5.27 1.42
C ALA A 115 5.88 -6.26 1.06
N ASN A 116 6.01 -7.29 1.88
CA ASN A 116 6.90 -8.41 1.60
C ASN A 116 6.00 -9.62 1.43
N LYS A 117 6.60 -10.76 1.05
CA LYS A 117 5.80 -11.93 0.63
C LYS A 117 4.86 -12.48 1.72
N THR A 118 5.20 -12.26 2.99
CA THR A 118 4.37 -12.72 4.10
C THR A 118 3.14 -11.83 4.35
N CYS A 119 3.19 -10.58 3.86
CA CYS A 119 2.19 -9.56 4.17
C CYS A 119 1.98 -9.25 5.67
N LEU A 120 2.96 -9.57 6.52
CA LEU A 120 2.83 -9.36 7.98
C LEU A 120 3.49 -8.09 8.54
N GLY A 121 3.93 -7.19 7.66
CA GLY A 121 4.51 -5.92 8.09
C GLY A 121 6.02 -5.92 7.88
N GLY A 122 6.64 -4.81 8.19
CA GLY A 122 8.07 -4.64 7.97
C GLY A 122 8.47 -3.21 8.12
N LYS A 123 9.63 -2.88 7.55
CA LYS A 123 10.16 -1.52 7.61
C LYS A 123 9.42 -0.60 6.66
N GLY A 124 9.62 0.70 6.85
CA GLY A 124 9.28 1.68 5.86
C GLY A 124 7.79 1.97 5.80
N VAL A 125 7.29 2.13 4.59
CA VAL A 125 5.88 2.44 4.40
C VAL A 125 5.00 1.30 4.95
N ASP A 126 5.43 0.06 4.76
CA ASP A 126 4.75 -1.12 5.33
C ASP A 126 4.47 -0.96 6.84
N GLY A 127 5.49 -0.64 7.61
CA GLY A 127 5.34 -0.41 9.05
C GLY A 127 4.47 0.78 9.38
N ALA A 128 4.66 1.87 8.63
CA ALA A 128 3.80 3.06 8.75
C ALA A 128 2.34 2.72 8.54
N ILE A 129 2.04 1.98 7.50
CA ILE A 129 0.66 1.58 7.20
C ILE A 129 0.05 0.69 8.28
N HIS A 130 0.78 -0.34 8.71
CA HIS A 130 0.33 -1.19 9.83
C HIS A 130 0.10 -0.42 11.12
N ALA A 131 1.00 0.50 11.44
CA ALA A 131 0.85 1.36 12.62
C ALA A 131 -0.37 2.28 12.57
N ALA A 132 -0.60 2.92 11.42
CA ALA A 132 -1.79 3.76 11.26
C ALA A 132 -3.09 2.93 11.26
N ALA A 133 -3.09 1.81 10.57
CA ALA A 133 -4.30 1.02 10.38
C ALA A 133 -4.67 0.30 11.67
N GLY A 134 -3.68 -0.02 12.47
CA GLY A 134 -3.88 -0.68 13.74
C GLY A 134 -3.77 -2.18 13.62
N PRO A 135 -3.89 -2.87 14.77
CA PRO A 135 -3.64 -4.32 14.81
C PRO A 135 -4.52 -5.24 13.93
N LEU A 136 -5.70 -4.79 13.49
CA LEU A 136 -6.57 -5.67 12.68
C LEU A 136 -6.08 -5.84 11.27
N LEU A 137 -5.19 -4.95 10.81
CA LEU A 137 -4.71 -5.05 9.44
C LEU A 137 -3.87 -6.33 9.32
N VAL A 138 -2.93 -6.51 10.24
CA VAL A 138 -2.08 -7.73 10.18
C VAL A 138 -2.88 -9.00 10.48
N ARG A 139 -3.92 -8.88 11.30
CA ARG A 139 -4.85 -10.00 11.53
C ARG A 139 -5.51 -10.43 10.23
N GLU A 140 -5.95 -9.50 9.38
CA GLU A 140 -6.53 -9.87 8.08
C GLU A 140 -5.48 -10.49 7.17
N CYS A 141 -4.29 -9.90 7.16
CA CYS A 141 -3.18 -10.42 6.33
C CYS A 141 -2.74 -11.83 6.73
N ALA A 142 -2.76 -12.11 8.02
CA ALA A 142 -2.41 -13.45 8.52
C ALA A 142 -3.35 -14.55 8.00
N THR A 143 -4.57 -14.19 7.61
CA THR A 143 -5.58 -15.18 7.21
C THR A 143 -5.40 -15.66 5.78
N PHE A 144 -4.56 -15.00 4.99
CA PHE A 144 -4.35 -15.45 3.61
C PHE A 144 -2.92 -15.91 3.34
N LYS A 145 -2.72 -16.53 2.19
CA LYS A 145 -1.46 -17.24 1.90
C LYS A 145 -0.40 -16.32 1.26
N GLY A 146 -0.11 -15.20 1.94
CA GLY A 146 0.95 -14.27 1.50
C GLY A 146 0.71 -13.61 0.16
N CYS A 147 1.76 -13.03 -0.42
CA CYS A 147 1.62 -12.39 -1.73
C CYS A 147 2.85 -12.67 -2.55
N ASP A 148 2.65 -12.99 -3.81
CA ASP A 148 3.77 -13.27 -4.66
C ASP A 148 4.35 -11.98 -5.20
N THR A 149 5.63 -12.01 -5.56
CA THR A 149 6.25 -10.89 -6.22
C THR A 149 5.43 -10.55 -7.48
N GLY A 150 5.14 -9.26 -7.64
CA GLY A 150 4.36 -8.75 -8.77
C GLY A 150 2.85 -8.92 -8.73
N GLN A 151 2.32 -9.35 -7.59
CA GLN A 151 0.91 -9.56 -7.40
C GLN A 151 0.47 -8.64 -6.27
N CYS A 152 -0.83 -8.62 -6.03
CA CYS A 152 -1.46 -7.69 -5.11
C CYS A 152 -2.59 -8.36 -4.35
N ARG A 153 -2.64 -8.14 -3.02
CA ARG A 153 -3.74 -8.57 -2.15
C ARG A 153 -4.53 -7.36 -1.70
N LEU A 154 -5.81 -7.55 -1.42
CA LEU A 154 -6.70 -6.47 -0.96
C LEU A 154 -7.23 -6.80 0.40
N THR A 155 -7.14 -5.82 1.31
CA THR A 155 -7.71 -5.91 2.63
C THR A 155 -8.46 -4.63 2.96
N LYS A 156 -9.22 -4.68 4.04
CA LYS A 156 -9.75 -3.48 4.65
C LYS A 156 -8.61 -2.65 5.25
N GLY A 157 -8.84 -1.34 5.39
CA GLY A 157 -7.84 -0.38 5.88
C GLY A 157 -7.98 -0.01 7.34
N TYR A 158 -9.07 -0.46 7.97
CA TYR A 158 -9.28 -0.28 9.40
C TYR A 158 -9.19 1.19 9.82
N ASN A 159 -8.26 1.54 10.70
CA ASN A 159 -8.17 2.90 11.18
C ASN A 159 -7.58 3.92 10.17
N LEU A 160 -7.15 3.48 8.99
CA LEU A 160 -6.75 4.38 7.92
C LEU A 160 -7.90 5.28 7.46
N PRO A 161 -7.58 6.52 7.04
CA PRO A 161 -8.58 7.28 6.32
C PRO A 161 -9.08 6.57 5.05
N ALA A 162 -8.18 5.93 4.29
CA ALA A 162 -8.58 5.16 3.13
C ALA A 162 -9.39 3.91 3.50
N ARG A 163 -10.25 3.49 2.58
CA ARG A 163 -11.07 2.31 2.85
C ARG A 163 -10.30 0.99 2.78
N TYR A 164 -9.48 0.80 1.76
CA TYR A 164 -8.77 -0.44 1.54
C TYR A 164 -7.27 -0.26 1.43
N VAL A 165 -6.55 -1.37 1.64
CA VAL A 165 -5.14 -1.48 1.33
C VAL A 165 -4.91 -2.57 0.27
N LEU A 166 -4.10 -2.20 -0.70
CA LEU A 166 -3.68 -3.04 -1.77
C LEU A 166 -2.21 -3.33 -1.45
N HIS A 167 -1.92 -4.54 -0.98
CA HIS A 167 -0.57 -4.91 -0.56
C HIS A 167 0.08 -5.55 -1.77
N THR A 168 1.12 -4.94 -2.31
CA THR A 168 1.86 -5.54 -3.41
C THR A 168 3.27 -5.91 -2.96
N VAL A 169 3.92 -6.80 -3.70
CA VAL A 169 5.30 -7.18 -3.41
C VAL A 169 6.13 -6.88 -4.62
N GLY A 170 6.88 -5.78 -4.52
CA GLY A 170 7.79 -5.39 -5.57
C GLY A 170 9.05 -6.23 -5.50
N PRO A 171 9.87 -6.16 -6.56
CA PRO A 171 11.15 -6.85 -6.53
C PRO A 171 12.12 -6.15 -5.57
N ILE A 172 13.14 -6.88 -5.13
CA ILE A 172 14.16 -6.30 -4.25
C ILE A 172 15.05 -5.39 -5.12
N GLY A 173 15.65 -5.97 -6.15
CA GLY A 173 16.50 -5.23 -7.06
C GLY A 173 15.76 -4.61 -8.24
N GLU A 174 16.56 -4.19 -9.21
CA GLU A 174 16.09 -3.51 -10.40
C GLU A 174 15.64 -4.54 -11.46
N ARG A 175 14.43 -5.08 -11.25
CA ARG A 175 13.75 -6.04 -12.12
C ARG A 175 12.51 -5.40 -12.76
N PRO A 176 12.68 -4.83 -13.96
CA PRO A 176 11.62 -4.01 -14.53
C PRO A 176 10.30 -4.76 -14.73
N GLU A 177 10.38 -6.03 -15.11
CA GLU A 177 9.19 -6.79 -15.45
C GLU A 177 8.41 -7.22 -14.20
N GLU A 178 9.10 -7.40 -13.09
CA GLU A 178 8.40 -7.64 -11.83
C GLU A 178 7.73 -6.37 -11.27
N LEU A 179 8.37 -5.22 -11.39
CA LEU A 179 7.76 -3.98 -10.87
C LEU A 179 6.55 -3.59 -11.76
N ARG A 180 6.72 -3.67 -13.09
CA ARG A 180 5.58 -3.53 -14.02
C ARG A 180 4.41 -4.37 -13.60
N SER A 181 4.67 -5.62 -13.26
CA SER A 181 3.64 -6.54 -12.84
C SER A 181 2.90 -6.02 -11.62
N CYS A 182 3.63 -5.51 -10.61
CA CYS A 182 2.99 -4.89 -9.43
C CYS A 182 1.98 -3.79 -9.83
N TYR A 183 2.40 -2.87 -10.68
CA TYR A 183 1.52 -1.79 -11.10
C TYR A 183 0.31 -2.36 -11.85
N ARG A 184 0.56 -3.31 -12.75
CA ARG A 184 -0.52 -3.98 -13.47
C ARG A 184 -1.48 -4.67 -12.51
N SER A 185 -0.96 -5.35 -11.49
CA SER A 185 -1.83 -6.07 -10.53
C SER A 185 -2.66 -5.17 -9.65
N ILE A 186 -2.04 -4.11 -9.16
CA ILE A 186 -2.75 -3.14 -8.36
C ILE A 186 -3.87 -2.51 -9.18
N LEU A 187 -3.55 -2.09 -10.39
CA LEU A 187 -4.52 -1.34 -11.20
C LEU A 187 -5.70 -2.25 -11.60
N SER A 188 -5.41 -3.48 -12.02
CA SER A 188 -6.46 -4.42 -12.43
C SER A 188 -7.31 -4.87 -11.25
N LEU A 189 -6.70 -5.12 -10.11
CA LEU A 189 -7.46 -5.52 -8.92
C LEU A 189 -8.37 -4.39 -8.35
N ALA A 190 -7.89 -3.14 -8.40
CA ALA A 190 -8.70 -2.00 -7.99
C ALA A 190 -9.89 -1.84 -8.93
N HIS A 191 -9.62 -1.96 -10.22
CA HIS A 191 -10.63 -1.79 -11.25
C HIS A 191 -11.69 -2.91 -11.18
N ARG A 192 -11.27 -4.16 -11.06
CA ARG A 192 -12.15 -5.32 -10.83
C ARG A 192 -13.13 -5.07 -9.69
N ASN A 193 -12.67 -4.45 -8.60
CA ASN A 193 -13.54 -4.18 -7.47
C ASN A 193 -14.20 -2.81 -7.52
N ARG A 194 -14.10 -2.09 -8.64
CA ARG A 194 -14.71 -0.77 -8.84
C ARG A 194 -14.29 0.30 -7.80
N LEU A 195 -13.05 0.17 -7.33
CA LEU A 195 -12.44 1.22 -6.52
C LEU A 195 -11.98 2.25 -7.52
N ARG A 196 -12.26 3.52 -7.24
CA ARG A 196 -12.06 4.59 -8.22
C ARG A 196 -10.99 5.61 -7.90
N SER A 197 -10.50 5.56 -6.67
CA SER A 197 -9.40 6.42 -6.27
C SER A 197 -8.36 5.59 -5.49
N ILE A 198 -7.12 5.71 -5.91
CA ILE A 198 -5.97 4.97 -5.38
C ILE A 198 -4.79 5.88 -5.02
N GLY A 199 -4.23 5.68 -3.84
CA GLY A 199 -3.03 6.38 -3.40
C GLY A 199 -1.85 5.42 -3.47
N PHE A 200 -0.89 5.71 -4.33
CA PHE A 200 0.33 4.92 -4.44
C PHE A 200 1.42 5.41 -3.50
N CYS A 201 2.22 4.47 -3.00
CA CYS A 201 3.52 4.77 -2.42
C CYS A 201 4.58 4.36 -3.46
N CYS A 202 5.84 4.66 -3.16
CA CYS A 202 6.95 4.42 -4.12
C CYS A 202 7.53 3.00 -4.03
N VAL A 203 6.89 2.05 -4.71
CA VAL A 203 7.18 0.63 -4.55
C VAL A 203 8.62 0.28 -4.94
N SER A 204 9.26 -0.53 -4.09
CA SER A 204 10.64 -1.03 -4.27
C SER A 204 11.79 -0.02 -4.16
N THR A 205 11.52 1.25 -3.92
CA THR A 205 12.58 2.25 -3.91
C THR A 205 13.23 2.32 -2.52
N GLY A 206 14.27 3.15 -2.38
CA GLY A 206 14.96 3.35 -1.10
C GLY A 206 16.21 2.50 -1.02
N VAL A 207 16.76 2.38 0.20
CA VAL A 207 18.11 1.80 0.39
C VAL A 207 18.19 0.39 -0.12
N TYR A 208 19.18 0.16 -0.98
CA TYR A 208 19.44 -1.13 -1.64
C TYR A 208 18.35 -1.62 -2.61
N GLY A 209 17.43 -0.73 -3.00
CA GLY A 209 16.28 -1.11 -3.78
C GLY A 209 16.37 -0.68 -5.23
N TYR A 210 15.20 -0.56 -5.86
CA TYR A 210 15.08 -0.15 -7.24
C TYR A 210 15.46 1.35 -7.30
N PRO A 211 16.40 1.75 -8.17
CA PRO A 211 16.73 3.19 -8.25
C PRO A 211 15.52 4.03 -8.62
N LEU A 212 15.47 5.23 -8.06
CA LEU A 212 14.27 6.04 -8.02
C LEU A 212 13.68 6.37 -9.38
N ILE A 213 14.51 6.89 -10.28
CA ILE A 213 14.02 7.38 -11.56
C ILE A 213 13.46 6.23 -12.41
N PRO A 214 14.21 5.12 -12.59
CA PRO A 214 13.67 3.99 -13.35
C PRO A 214 12.42 3.40 -12.76
N ALA A 215 12.34 3.28 -11.43
CA ALA A 215 11.10 2.84 -10.77
C ALA A 215 9.91 3.74 -11.09
N THR A 216 10.13 5.05 -10.97
CA THR A 216 9.09 6.06 -11.21
C THR A 216 8.64 6.07 -12.69
N ARG A 217 9.60 5.90 -13.60
CA ARG A 217 9.31 5.74 -15.01
C ARG A 217 8.28 4.65 -15.22
N ILE A 218 8.52 3.50 -14.58
CA ILE A 218 7.64 2.35 -14.72
C ILE A 218 6.24 2.61 -14.12
N ALA A 219 6.21 3.20 -12.91
CA ALA A 219 4.96 3.52 -12.24
C ALA A 219 4.10 4.43 -13.10
N VAL A 220 4.73 5.47 -13.64
CA VAL A 220 4.05 6.44 -14.48
C VAL A 220 3.56 5.80 -15.78
N ASP A 221 4.44 5.01 -16.40
CA ASP A 221 4.14 4.38 -17.67
C ASP A 221 2.99 3.39 -17.56
N GLU A 222 3.01 2.54 -16.54
CA GLU A 222 1.94 1.57 -16.35
C GLU A 222 0.63 2.22 -16.02
N THR A 223 0.67 3.26 -15.21
CA THR A 223 -0.56 3.87 -14.74
C THR A 223 -1.24 4.63 -15.90
N ILE A 224 -0.43 5.32 -16.71
CA ILE A 224 -0.95 6.03 -17.84
C ILE A 224 -1.50 5.06 -18.89
N GLU A 225 -0.78 3.96 -19.14
CA GLU A 225 -1.26 2.93 -20.07
C GLU A 225 -2.59 2.35 -19.65
N TYR A 226 -2.75 2.07 -18.35
CA TYR A 226 -4.01 1.62 -17.82
C TYR A 226 -5.12 2.66 -18.02
N LEU A 227 -4.83 3.93 -17.74
CA LEU A 227 -5.80 4.98 -17.92
C LEU A 227 -6.20 5.16 -19.39
N LYS A 228 -5.25 5.06 -20.31
CA LYS A 228 -5.55 5.15 -21.77
C LYS A 228 -6.47 4.05 -22.25
N GLN A 229 -6.21 2.85 -21.79
CA GLN A 229 -6.92 1.65 -22.26
C GLN A 229 -8.25 1.43 -21.61
N HIS A 230 -8.42 1.91 -20.38
CA HIS A 230 -9.66 1.76 -19.65
C HIS A 230 -10.15 3.13 -19.22
N PHE A 231 -10.77 3.84 -20.15
CA PHE A 231 -11.39 5.17 -19.93
C PHE A 231 -12.14 5.26 -18.60
N SER A 232 -12.95 4.26 -18.28
CA SER A 232 -13.93 4.36 -17.22
C SER A 232 -13.47 3.87 -15.85
N ALA A 233 -12.20 3.50 -15.70
CA ALA A 233 -11.73 2.76 -14.52
C ALA A 233 -11.64 3.65 -13.27
N PHE A 234 -10.88 4.75 -13.37
CA PHE A 234 -10.49 5.58 -12.18
C PHE A 234 -10.81 7.05 -12.32
N ASP A 235 -11.16 7.65 -11.19
CA ASP A 235 -11.23 9.08 -11.09
C ASP A 235 -9.89 9.69 -10.78
N LEU A 236 -9.14 9.03 -9.88
CA LEU A 236 -7.88 9.56 -9.42
C LEU A 236 -6.88 8.49 -8.99
N CYS A 237 -5.67 8.61 -9.52
CA CYS A 237 -4.49 7.91 -9.04
C CYS A 237 -3.56 8.96 -8.47
N CYS A 238 -3.29 8.86 -7.17
CA CYS A 238 -2.42 9.81 -6.51
C CYS A 238 -1.09 9.16 -6.09
N PHE A 239 0.03 9.76 -6.47
CA PHE A 239 1.34 9.28 -6.03
C PHE A 239 1.76 10.05 -4.80
N ALA A 240 1.76 9.37 -3.64
CA ALA A 240 2.18 9.99 -2.42
C ALA A 240 3.69 9.89 -2.35
N CYS A 241 4.34 11.03 -2.15
CA CYS A 241 5.79 11.17 -2.21
C CYS A 241 6.23 11.76 -0.90
N PHE A 242 6.59 10.90 0.03
CA PHE A 242 6.95 11.34 1.36
C PHE A 242 8.13 12.31 1.30
N LYS A 243 9.13 11.94 0.53
CA LYS A 243 10.35 12.73 0.38
C LYS A 243 10.28 13.63 -0.83
N LEU A 244 10.89 14.79 -0.73
CA LEU A 244 10.92 15.71 -1.86
C LEU A 244 11.61 15.14 -3.12
N GLU A 245 12.61 14.31 -2.93
CA GLU A 245 13.31 13.64 -4.02
C GLU A 245 12.36 12.81 -4.87
N GLU A 246 11.42 12.12 -4.20
CA GLU A 246 10.42 11.28 -4.85
C GLU A 246 9.45 12.12 -5.61
N TYR A 247 9.00 13.22 -5.00
CA TYR A 247 8.07 14.14 -5.63
C TYR A 247 8.64 14.69 -6.94
N ASN A 248 9.93 15.04 -6.90
CA ASN A 248 10.64 15.56 -8.06
C ASN A 248 10.87 14.51 -9.14
N ALA A 249 11.08 13.26 -8.74
CA ALA A 249 11.15 12.17 -9.70
C ALA A 249 9.85 12.00 -10.48
N TYR A 250 8.69 12.03 -9.81
CA TYR A 250 7.38 11.94 -10.50
C TYR A 250 7.13 13.13 -11.41
N THR A 251 7.43 14.32 -10.90
CA THR A 251 7.27 15.54 -11.65
C THR A 251 8.08 15.46 -12.93
N ASP A 252 9.33 14.98 -12.82
CA ASP A 252 10.18 14.86 -14.00
C ASP A 252 9.71 13.82 -14.99
N CYS A 253 9.35 12.65 -14.49
CA CYS A 253 8.80 11.58 -15.32
C CYS A 253 7.47 11.97 -16.00
N LEU A 254 6.61 12.70 -15.30
CA LEU A 254 5.35 13.14 -15.88
C LEU A 254 5.57 14.20 -16.94
N ARG A 255 6.46 15.14 -16.64
CA ARG A 255 6.87 16.14 -17.61
C ARG A 255 7.59 15.48 -18.80
N ALA A 256 8.46 14.50 -18.52
CA ALA A 256 9.15 13.77 -19.58
C ALA A 256 8.21 12.89 -20.38
N TRP A 257 7.15 12.41 -19.76
CA TRP A 257 6.10 11.70 -20.49
C TRP A 257 5.35 12.67 -21.42
N LEU A 258 5.03 13.87 -20.93
CA LEU A 258 4.44 14.91 -21.78
C LEU A 258 5.43 15.33 -22.85
#